data_6P6K
#
_entry.id   6P6K
#
_cell.length_a   60.719
_cell.length_b   66.038
_cell.length_c   105.773
_cell.angle_alpha   90.000
_cell.angle_beta   90.000
_cell.angle_gamma   90.000
#
_symmetry.space_group_name_H-M   'P 21 21 21'
#
loop_
_entity.id
_entity.type
_entity.pdbx_description
1 polymer 'Histone-lysine N-methyltransferase SMYD3'
2 non-polymer 'ZINC ION'
3 non-polymer 'MAGNESIUM ION'
4 non-polymer 1,2-ETHANEDIOL
5 non-polymer S-ADENOSYLMETHIONINE
6 non-polymer N-{1-[(2-aminoethyl)sulfonyl]piperidin-4-yl}-5-cyclopropyl-1,2-oxazole-3-carboxamide
7 water water
#
_entity_poly.entity_id   1
_entity_poly.type   'polypeptide(L)'
_entity_poly.pdbx_seq_one_letter_code
;GSFTMEPLKVEKFATANRGNGLRAVTPLRPGELLFRSDPLAYTVCKGSRGVVCDRCLLGKEKLMRCSQCRVAKYCSAKCQ
KKAWPDHKRECKCLKSCKPRYPPDSVRLLGRVVFKLMDGAPSESEKLYSFYDLESNINKLTEDKKEGLRQLVMTFQHFMR
EEIQDASQLPPAFDLFEAFAKVICNSFTICNAEMQEVGVGLYPSISLLNHSCDPNCSIVFNGPHLLLRAVRDIEVGEELT
ICYLDMLMTSEERRKQLRDQYCFECDCFRCQTQDKDADMLTGDEQVWKEVQESLKKIEELKAHWKWEQVLAMCQAIISSN
SERLPDINIYQLKVLDCAMDACINLGLLEEALFYGTRTMEPYRIFFPGSHPVRGVQVMKVGKLQLHQGMFPQAMKNLRLA
FDIMRVTHGREHSLIEDLILLLEECDANIRAS
;
_entity_poly.pdbx_strand_id   A
#
loop_
_chem_comp.id
_chem_comp.type
_chem_comp.name
_chem_comp.formula
EDO non-polymer 1,2-ETHANEDIOL 'C2 H6 O2'
L0J non-polymer N-{1-[(2-aminoethyl)sulfonyl]piperidin-4-yl}-5-cyclopropyl-1,2-oxazole-3-carboxamide 'C14 H22 N4 O4 S'
MG non-polymer 'MAGNESIUM ION' 'Mg 2'
SAM non-polymer S-ADENOSYLMETHIONINE 'C15 H22 N6 O5 S'
ZN non-polymer 'ZINC ION' 'Zn 2'
#
# COMPACT_ATOMS: atom_id res chain seq x y z
N PRO A 7 14.44 17.49 -15.98
CA PRO A 7 13.54 18.63 -15.74
C PRO A 7 12.35 18.24 -14.85
N LEU A 8 12.48 18.46 -13.55
CA LEU A 8 11.43 18.07 -12.62
C LEU A 8 10.17 18.91 -12.83
N LYS A 9 9.02 18.25 -12.73
CA LYS A 9 7.72 18.90 -12.80
C LYS A 9 7.18 19.24 -11.43
N VAL A 10 7.92 18.89 -10.37
CA VAL A 10 7.51 19.05 -8.99
C VAL A 10 8.66 19.74 -8.25
N GLU A 11 8.31 20.39 -7.15
CA GLU A 11 9.32 21.05 -6.32
C GLU A 11 8.86 21.06 -4.87
N LYS A 12 9.83 20.95 -3.99
CA LYS A 12 9.62 21.13 -2.57
C LYS A 12 9.29 22.59 -2.25
N PHE A 13 8.37 22.80 -1.30
CA PHE A 13 8.12 24.15 -0.82
C PHE A 13 7.64 24.10 0.61
N ALA A 14 7.71 25.26 1.28
CA ALA A 14 7.23 25.38 2.65
C ALA A 14 5.76 25.81 2.61
N THR A 15 4.87 24.94 3.07
CA THR A 15 3.45 25.26 3.11
C THR A 15 3.16 26.18 4.29
N ALA A 16 1.94 26.72 4.29
CA ALA A 16 1.55 27.65 5.34
C ALA A 16 1.25 26.93 6.65
N ASN A 17 0.62 25.74 6.59
CA ASN A 17 0.28 25.08 7.85
C ASN A 17 0.41 23.56 7.81
N ARG A 18 1.14 23.01 6.83
CA ARG A 18 1.31 21.57 6.71
C ARG A 18 2.77 21.17 6.64
N GLY A 19 3.68 22.02 7.09
CA GLY A 19 5.10 21.69 6.99
C GLY A 19 5.60 21.85 5.57
N ASN A 20 6.55 21.00 5.19
CA ASN A 20 6.97 21.01 3.81
C ASN A 20 5.97 20.25 2.96
N GLY A 21 5.95 20.57 1.66
CA GLY A 21 5.05 19.93 0.73
C GLY A 21 5.70 19.87 -0.63
N LEU A 22 4.93 19.34 -1.58
CA LEU A 22 5.35 19.27 -2.98
C LEU A 22 4.31 20.01 -3.81
N ARG A 23 4.77 20.81 -4.77
CA ARG A 23 3.85 21.56 -5.61
C ARG A 23 4.29 21.45 -7.07
N ALA A 24 3.33 21.77 -7.94
CA ALA A 24 3.55 21.66 -9.39
C ALA A 24 4.40 22.82 -9.89
N VAL A 25 5.45 22.50 -10.66
CA VAL A 25 6.25 23.52 -11.31
C VAL A 25 5.56 24.03 -12.58
N THR A 26 4.87 23.14 -13.27
CA THR A 26 4.13 23.42 -14.50
C THR A 26 2.74 22.83 -14.36
N PRO A 27 1.80 23.17 -15.25
CA PRO A 27 0.49 22.53 -15.17
C PRO A 27 0.62 21.05 -15.43
N LEU A 28 -0.22 20.26 -14.74
CA LEU A 28 -0.16 18.81 -14.84
C LEU A 28 -1.51 18.27 -15.29
N ARG A 29 -1.47 17.22 -16.09
CA ARG A 29 -2.65 16.57 -16.63
C ARG A 29 -2.81 15.19 -16.00
N PRO A 30 -4.02 14.66 -15.94
CA PRO A 30 -4.22 13.33 -15.35
C PRO A 30 -3.34 12.29 -16.03
N GLY A 31 -2.69 11.46 -15.21
CA GLY A 31 -1.84 10.40 -15.69
C GLY A 31 -0.39 10.77 -15.86
N GLU A 32 -0.06 12.07 -15.80
CA GLU A 32 1.31 12.51 -15.99
C GLU A 32 2.21 11.91 -14.91
N LEU A 33 3.34 11.35 -15.34
CA LEU A 33 4.31 10.80 -14.39
C LEU A 33 5.09 11.95 -13.78
N LEU A 34 5.05 12.06 -12.45
CA LEU A 34 5.67 13.18 -11.77
C LEU A 34 6.97 12.80 -11.08
N PHE A 35 7.09 11.57 -10.62
CA PHE A 35 8.29 11.13 -9.92
C PHE A 35 8.23 9.62 -9.85
N ARG A 36 9.41 9.00 -9.85
CA ARG A 36 9.51 7.57 -9.60
C ARG A 36 10.71 7.31 -8.70
N SER A 37 10.60 6.26 -7.89
CA SER A 37 11.58 6.10 -6.84
C SER A 37 11.65 4.65 -6.38
N ASP A 38 12.86 4.16 -6.21
CA ASP A 38 13.08 2.98 -5.38
C ASP A 38 13.09 3.40 -3.93
N PRO A 39 12.90 2.48 -2.99
CA PRO A 39 12.93 2.86 -1.58
C PRO A 39 14.35 3.23 -1.16
N LEU A 40 14.43 4.13 -0.18
CA LEU A 40 15.65 4.22 0.60
C LEU A 40 15.89 2.90 1.32
N ALA A 41 14.82 2.33 1.87
CA ALA A 41 14.86 1.04 2.55
C ALA A 41 13.46 0.47 2.54
N TYR A 42 13.38 -0.85 2.48
CA TYR A 42 12.07 -1.48 2.53
C TYR A 42 12.24 -2.89 3.05
N THR A 43 11.13 -3.47 3.52
CA THR A 43 11.11 -4.86 3.93
C THR A 43 9.74 -5.46 3.68
N VAL A 44 9.70 -6.79 3.63
CA VAL A 44 8.43 -7.50 3.57
C VAL A 44 7.69 -7.33 4.88
N CYS A 45 6.36 -7.31 4.81
CA CYS A 45 5.51 -7.23 6.00
CA CYS A 45 5.60 -7.19 6.05
C CYS A 45 5.52 -8.54 6.77
N LYS A 46 5.18 -8.45 8.05
CA LYS A 46 5.12 -9.63 8.91
C LYS A 46 4.26 -10.73 8.29
N GLY A 47 3.10 -10.36 7.74
CA GLY A 47 2.19 -11.35 7.20
C GLY A 47 2.68 -11.98 5.92
N SER A 48 3.32 -11.19 5.05
CA SER A 48 3.80 -11.71 3.78
C SER A 48 5.17 -12.37 3.88
N ARG A 49 5.82 -12.30 5.04
CA ARG A 49 7.12 -12.93 5.21
C ARG A 49 7.05 -14.42 4.92
N GLY A 50 7.99 -14.91 4.12
CA GLY A 50 7.97 -16.28 3.68
C GLY A 50 6.98 -16.60 2.59
N VAL A 51 6.09 -15.66 2.26
CA VAL A 51 5.15 -15.84 1.16
C VAL A 51 5.63 -15.16 -0.12
N VAL A 52 6.16 -13.95 -0.01
CA VAL A 52 6.68 -13.23 -1.16
C VAL A 52 8.19 -13.07 -1.02
N CYS A 53 8.84 -12.91 -2.17
CA CYS A 53 10.28 -12.72 -2.21
C CYS A 53 10.66 -11.45 -1.45
N ASP A 54 11.72 -11.56 -0.64
CA ASP A 54 12.23 -10.41 0.10
C ASP A 54 12.60 -9.26 -0.81
N ARG A 55 13.14 -9.58 -1.99
CA ARG A 55 13.68 -8.54 -2.85
CA ARG A 55 13.70 -8.57 -2.89
C ARG A 55 12.61 -7.97 -3.77
N CYS A 56 12.05 -8.79 -4.67
CA CYS A 56 11.12 -8.31 -5.68
C CYS A 56 9.68 -8.23 -5.19
N LEU A 57 9.37 -8.82 -4.03
CA LEU A 57 8.05 -8.75 -3.40
C LEU A 57 6.98 -9.48 -4.23
N LEU A 58 7.38 -10.49 -4.99
CA LEU A 58 6.47 -11.32 -5.76
C LEU A 58 6.24 -12.63 -5.02
N GLY A 59 5.03 -13.18 -5.19
CA GLY A 59 4.64 -14.37 -4.44
C GLY A 59 5.18 -15.66 -5.04
N LYS A 60 5.67 -16.53 -4.15
CA LYS A 60 6.31 -17.81 -4.48
C LYS A 60 7.07 -17.81 -5.80
N LYS A 62 7.25 -21.74 -4.38
CA LYS A 62 8.03 -21.91 -3.15
C LYS A 62 9.24 -20.97 -3.14
N LEU A 63 9.69 -20.60 -1.95
CA LEU A 63 10.79 -19.66 -1.79
C LEU A 63 12.00 -20.35 -1.16
N MET A 64 13.19 -19.86 -1.54
CA MET A 64 14.44 -20.38 -1.02
C MET A 64 14.89 -19.52 0.17
N ARG A 65 15.21 -20.17 1.28
CA ARG A 65 15.62 -19.45 2.49
C ARG A 65 17.11 -19.18 2.48
N CYS A 66 17.49 -18.01 3.00
CA CYS A 66 18.90 -17.75 3.29
C CYS A 66 19.39 -18.74 4.33
N SER A 67 20.41 -19.51 4.01
CA SER A 67 20.80 -20.55 4.97
C SER A 67 21.57 -19.97 6.15
N GLN A 68 22.07 -18.73 6.04
CA GLN A 68 22.75 -18.14 7.19
C GLN A 68 21.76 -17.74 8.27
N CYS A 69 20.68 -17.06 7.90
CA CYS A 69 19.70 -16.58 8.87
C CYS A 69 18.38 -17.34 8.87
N ARG A 70 18.00 -17.96 7.75
CA ARG A 70 16.75 -18.72 7.60
C ARG A 70 15.50 -17.85 7.74
N VAL A 71 15.64 -16.53 7.68
CA VAL A 71 14.51 -15.62 7.75
C VAL A 71 14.18 -15.04 6.38
N ALA A 72 15.18 -14.47 5.71
CA ALA A 72 14.96 -13.93 4.38
C ALA A 72 14.70 -15.06 3.40
N LYS A 73 13.65 -14.91 2.58
CA LYS A 73 13.30 -15.90 1.58
C LYS A 73 13.18 -15.23 0.22
N TYR A 74 13.52 -15.97 -0.84
CA TYR A 74 13.67 -15.38 -2.16
C TYR A 74 13.03 -16.24 -3.23
N CYS A 75 12.60 -15.58 -4.30
CA CYS A 75 11.96 -16.21 -5.44
C CYS A 75 12.97 -16.86 -6.38
N SER A 76 14.22 -16.43 -6.34
CA SER A 76 15.21 -16.86 -7.33
C SER A 76 16.59 -16.68 -6.76
N ALA A 77 17.56 -17.34 -7.41
CA ALA A 77 18.95 -17.10 -7.06
C ALA A 77 19.35 -15.66 -7.40
N LYS A 78 18.80 -15.12 -8.49
CA LYS A 78 19.07 -13.74 -8.85
C LYS A 78 18.65 -12.81 -7.72
N CYS A 79 17.48 -13.05 -7.15
CA CYS A 79 16.99 -12.16 -6.09
C CYS A 79 17.75 -12.37 -4.79
N GLN A 80 18.07 -13.63 -4.44
CA GLN A 80 18.87 -13.84 -3.23
C GLN A 80 20.24 -13.19 -3.37
N LYS A 81 20.89 -13.34 -4.52
CA LYS A 81 22.22 -12.73 -4.71
C LYS A 81 22.11 -11.21 -4.77
N LYS A 82 21.14 -10.69 -5.53
CA LYS A 82 21.00 -9.23 -5.63
C LYS A 82 20.66 -8.60 -4.28
N ALA A 83 19.89 -9.30 -3.45
CA ALA A 83 19.57 -8.79 -2.13
C ALA A 83 20.72 -8.88 -1.14
N TRP A 84 21.79 -9.61 -1.45
CA TRP A 84 22.80 -9.88 -0.44
C TRP A 84 23.45 -8.62 0.12
N PRO A 85 23.87 -7.64 -0.70
CA PRO A 85 24.50 -6.45 -0.08
C PRO A 85 23.61 -5.75 0.94
N ASP A 86 22.32 -5.58 0.66
CA ASP A 86 21.41 -4.94 1.60
C ASP A 86 20.93 -5.87 2.71
N HIS A 87 21.26 -7.16 2.62
CA HIS A 87 20.86 -8.14 3.62
C HIS A 87 22.02 -8.59 4.50
N LYS A 88 23.27 -8.38 4.06
CA LYS A 88 24.43 -8.92 4.76
C LYS A 88 24.43 -8.60 6.25
N ARG A 89 24.22 -7.33 6.59
CA ARG A 89 24.36 -6.94 7.99
C ARG A 89 23.14 -7.35 8.81
N GLU A 90 21.93 -7.22 8.26
CA GLU A 90 20.76 -7.68 9.02
C GLU A 90 20.74 -9.19 9.16
N CYS A 91 21.41 -9.91 8.24
CA CYS A 91 21.45 -11.36 8.33
C CYS A 91 22.05 -11.81 9.66
N LYS A 92 23.17 -11.21 10.06
CA LYS A 92 23.80 -11.57 11.33
C LYS A 92 22.89 -11.24 12.52
N CYS A 93 22.08 -10.18 12.39
CA CYS A 93 21.16 -9.79 13.45
C CYS A 93 19.95 -10.73 13.53
N LEU A 94 19.38 -11.08 12.39
CA LEU A 94 18.25 -12.01 12.38
C LEU A 94 18.66 -13.38 12.90
N LYS A 95 19.90 -13.79 12.60
CA LYS A 95 20.38 -15.08 13.10
C LYS A 95 20.57 -15.05 14.61
N SER A 96 21.17 -13.97 15.12
CA SER A 96 21.48 -13.89 16.55
C SER A 96 20.22 -13.78 17.41
N CYS A 97 19.10 -13.34 16.85
CA CYS A 97 17.89 -13.17 17.62
C CYS A 97 16.86 -14.24 17.26
N PRO A 99 14.75 -17.15 17.54
CA PRO A 99 13.44 -17.28 16.91
C PRO A 99 12.62 -15.99 16.95
N ARG A 100 13.13 -14.99 17.66
CA ARG A 100 12.44 -13.71 17.73
C ARG A 100 12.58 -12.98 16.40
N TYR A 101 11.47 -12.43 15.92
CA TYR A 101 11.47 -11.65 14.68
C TYR A 101 11.06 -10.21 14.99
N PRO A 102 11.77 -9.22 14.48
CA PRO A 102 11.52 -7.82 14.88
C PRO A 102 10.23 -7.29 14.28
N PRO A 103 9.63 -6.26 14.91
CA PRO A 103 8.58 -5.52 14.23
C PRO A 103 9.06 -5.01 12.88
N ASP A 104 8.13 -4.87 11.93
CA ASP A 104 8.51 -4.37 10.60
C ASP A 104 9.29 -3.06 10.70
N SER A 105 8.85 -2.16 11.57
CA SER A 105 9.49 -0.85 11.64
C SER A 105 10.93 -0.98 12.13
N VAL A 106 11.22 -1.98 12.95
CA VAL A 106 12.58 -2.18 13.43
C VAL A 106 13.45 -2.75 12.31
N ARG A 107 12.96 -3.76 11.61
CA ARG A 107 13.73 -4.27 10.49
C ARG A 107 13.91 -3.18 9.42
N LEU A 108 12.89 -2.35 9.24
CA LEU A 108 12.99 -1.23 8.30
C LEU A 108 14.09 -0.26 8.70
N LEU A 109 14.09 0.17 9.97
CA LEU A 109 15.08 1.16 10.38
C LEU A 109 16.49 0.56 10.34
N GLY A 110 16.63 -0.72 10.65
CA GLY A 110 17.91 -1.38 10.46
C GLY A 110 18.42 -1.22 9.03
N ARG A 111 17.54 -1.45 8.06
CA ARG A 111 17.96 -1.28 6.68
C ARG A 111 18.20 0.18 6.33
N VAL A 112 17.49 1.11 6.97
CA VAL A 112 17.80 2.53 6.80
C VAL A 112 19.22 2.82 7.25
N VAL A 113 19.56 2.35 8.45
CA VAL A 113 20.88 2.63 9.01
C VAL A 113 21.97 2.04 8.12
N PHE A 114 21.82 0.78 7.71
CA PHE A 114 22.84 0.15 6.89
C PHE A 114 22.99 0.85 5.55
N LYS A 115 21.88 1.28 4.95
CA LYS A 115 21.94 2.00 3.68
C LYS A 115 22.67 3.33 3.84
N LEU A 116 22.34 4.07 4.90
CA LEU A 116 22.97 5.37 5.14
C LEU A 116 24.44 5.22 5.51
N MET A 117 24.82 4.16 6.22
CA MET A 117 26.21 3.96 6.63
C MET A 117 27.08 3.40 5.51
N ASP A 118 26.54 2.50 4.68
CA ASP A 118 27.35 1.74 3.74
C ASP A 118 27.03 2.01 2.28
N GLY A 119 25.88 2.57 1.97
CA GLY A 119 25.48 2.77 0.60
C GLY A 119 25.80 4.16 0.09
N ALA A 120 26.01 4.24 -1.22
CA ALA A 120 26.15 5.52 -1.88
C ALA A 120 24.89 6.35 -1.63
N PRO A 121 24.98 7.67 -1.81
CA PRO A 121 23.79 8.52 -1.65
C PRO A 121 22.66 8.00 -2.53
N SER A 122 21.48 7.92 -1.96
CA SER A 122 20.35 7.25 -2.59
C SER A 122 19.54 8.23 -3.43
N GLU A 123 19.19 7.82 -4.65
CA GLU A 123 18.33 8.66 -5.47
C GLU A 123 16.98 8.89 -4.79
N SER A 124 16.56 7.99 -3.92
CA SER A 124 15.30 8.18 -3.19
C SER A 124 15.30 9.46 -2.36
N GLU A 125 16.48 9.99 -2.02
CA GLU A 125 16.56 11.19 -1.19
C GLU A 125 16.78 12.45 -2.00
N LYS A 126 16.52 12.42 -3.31
CA LYS A 126 16.86 13.54 -4.17
C LYS A 126 16.20 14.84 -3.74
N LEU A 127 14.90 14.80 -3.41
CA LEU A 127 14.20 16.03 -3.04
C LEU A 127 14.16 16.26 -1.54
N TYR A 128 14.40 15.22 -0.75
CA TYR A 128 14.12 15.21 0.68
C TYR A 128 14.77 13.97 1.24
N SER A 129 15.48 14.09 2.36
CA SER A 129 16.27 12.98 2.89
C SER A 129 15.65 12.45 4.17
N PHE A 130 16.08 11.26 4.57
CA PHE A 130 15.65 10.73 5.86
C PHE A 130 15.95 11.75 6.97
N TYR A 131 17.11 12.41 6.90
CA TYR A 131 17.48 13.44 7.87
C TYR A 131 16.45 14.56 7.93
N ASP A 132 15.83 14.87 6.79
CA ASP A 132 14.88 15.98 6.67
C ASP A 132 13.47 15.63 7.16
N LEU A 133 13.14 14.34 7.28
CA LEU A 133 11.74 13.93 7.47
C LEU A 133 11.14 14.51 8.73
N GLU A 134 9.84 14.80 8.64
CA GLU A 134 9.05 15.23 9.78
C GLU A 134 9.02 14.14 10.86
N SER A 135 9.26 14.55 12.10
CA SER A 135 9.21 13.64 13.24
C SER A 135 7.96 13.83 14.10
N ASN A 136 7.34 15.00 14.06
CA ASN A 136 6.19 15.34 14.91
C ASN A 136 6.47 15.10 16.38
N ILE A 137 7.74 15.21 16.80
CA ILE A 137 8.04 14.90 18.18
C ILE A 137 7.28 15.83 19.13
N ASN A 138 7.10 17.10 18.76
CA ASN A 138 6.39 17.95 19.72
C ASN A 138 4.89 17.72 19.72
N LYS A 139 4.38 16.77 18.92
CA LYS A 139 2.97 16.42 19.00
C LYS A 139 2.73 15.04 19.58
N LEU A 140 3.79 14.30 19.90
CA LEU A 140 3.63 12.95 20.42
C LEU A 140 3.00 12.99 21.81
N THR A 141 2.00 12.16 22.01
CA THR A 141 1.47 11.93 23.34
C THR A 141 2.42 11.01 24.12
N GLU A 142 2.26 11.01 25.45
CA GLU A 142 3.11 10.19 26.30
C GLU A 142 3.02 8.71 25.94
N ASP A 143 1.82 8.23 25.60
CA ASP A 143 1.70 6.82 25.27
C ASP A 143 2.48 6.49 24.01
N LYS A 144 2.47 7.41 23.03
CA LYS A 144 3.27 7.18 21.82
C LYS A 144 4.76 7.24 22.12
N LYS A 145 5.19 8.16 22.98
CA LYS A 145 6.61 8.21 23.37
C LYS A 145 7.03 6.89 24.01
N GLU A 146 6.17 6.33 24.85
CA GLU A 146 6.50 5.06 25.49
C GLU A 146 6.64 3.96 24.45
N GLY A 147 5.74 3.93 23.47
CA GLY A 147 5.87 2.95 22.40
C GLY A 147 7.14 3.12 21.60
N LEU A 148 7.53 4.37 21.33
CA LEU A 148 8.75 4.64 20.59
C LEU A 148 9.97 4.21 21.39
N ARG A 149 9.96 4.45 22.71
CA ARG A 149 11.05 3.99 23.55
C ARG A 149 11.17 2.47 23.49
N GLN A 150 10.05 1.77 23.39
CA GLN A 150 10.12 0.31 23.27
C GLN A 150 10.70 -0.10 21.92
N LEU A 151 10.32 0.61 20.83
CA LEU A 151 10.92 0.34 19.54
C LEU A 151 12.43 0.58 19.54
N VAL A 152 12.87 1.65 20.21
CA VAL A 152 14.31 1.92 20.31
C VAL A 152 15.03 0.77 21.00
N MET A 153 14.51 0.32 22.14
CA MET A 153 15.14 -0.79 22.83
C MET A 153 15.07 -2.07 22.01
N THR A 154 13.97 -2.27 21.26
CA THR A 154 13.90 -3.43 20.36
C THR A 154 14.98 -3.34 19.29
N PHE A 155 15.15 -2.15 18.70
CA PHE A 155 16.21 -1.94 17.72
C PHE A 155 17.58 -2.25 18.32
N GLN A 156 17.85 -1.73 19.53
CA GLN A 156 19.16 -1.93 20.12
C GLN A 156 19.40 -3.41 20.37
N HIS A 157 18.36 -4.14 20.75
CA HIS A 157 18.51 -5.58 20.97
C HIS A 157 18.75 -6.30 19.66
N PHE A 158 17.91 -6.02 18.67
CA PHE A 158 17.98 -6.72 17.39
C PHE A 158 19.32 -6.49 16.71
N MET A 159 19.85 -5.27 16.81
CA MET A 159 21.01 -4.86 16.03
C MET A 159 22.33 -5.01 16.77
N ARG A 160 22.31 -5.60 17.97
CA ARG A 160 23.48 -5.61 18.83
C ARG A 160 24.71 -6.20 18.14
N GLU A 161 24.52 -7.14 17.21
CA GLU A 161 25.67 -7.78 16.57
C GLU A 161 26.37 -6.83 15.60
N GLU A 162 25.65 -5.86 15.05
CA GLU A 162 26.18 -5.00 14.01
C GLU A 162 26.30 -3.55 14.42
N ILE A 163 25.56 -3.10 15.43
CA ILE A 163 25.59 -1.72 15.90
C ILE A 163 25.77 -1.77 17.41
N GLN A 164 26.97 -1.40 17.88
CA GLN A 164 27.29 -1.35 19.30
C GLN A 164 27.20 0.06 19.86
N ASP A 165 27.80 1.03 19.18
CA ASP A 165 27.86 2.41 19.67
C ASP A 165 27.41 3.37 18.57
N ALA A 166 27.51 4.66 18.90
CA ALA A 166 27.02 5.71 18.01
C ALA A 166 27.90 5.89 16.77
N SER A 167 29.15 5.44 16.82
CA SER A 167 30.01 5.55 15.65
C SER A 167 29.53 4.68 14.50
N GLN A 168 28.62 3.74 14.76
CA GLN A 168 28.05 2.89 13.74
C GLN A 168 26.72 3.43 13.22
N LEU A 169 26.24 4.52 13.77
CA LEU A 169 25.07 5.23 13.28
C LEU A 169 25.49 6.51 12.56
N PRO A 170 24.64 7.04 11.68
CA PRO A 170 24.97 8.32 11.01
C PRO A 170 25.25 9.41 12.03
N PRO A 171 25.93 10.48 11.62
CA PRO A 171 26.34 11.51 12.60
C PRO A 171 25.12 12.15 13.27
N ALA A 172 25.17 12.21 14.60
CA ALA A 172 24.10 12.78 15.42
C ALA A 172 22.76 12.10 15.13
N PHE A 173 22.80 10.81 14.81
CA PHE A 173 21.60 10.01 14.57
C PHE A 173 20.96 9.66 15.92
N ASP A 174 19.67 9.93 16.04
CA ASP A 174 18.94 9.64 17.26
C ASP A 174 17.87 8.61 16.96
N LEU A 175 17.94 7.45 17.63
CA LEU A 175 17.02 6.36 17.32
C LEU A 175 15.57 6.70 17.65
N PHE A 176 15.32 7.41 18.76
CA PHE A 176 13.97 7.82 19.08
C PHE A 176 13.39 8.69 17.98
N GLU A 177 14.14 9.72 17.57
CA GLU A 177 13.73 10.59 16.49
C GLU A 177 13.54 9.81 15.19
N ALA A 178 14.42 8.84 14.92
CA ALA A 178 14.32 8.06 13.70
C ALA A 178 13.02 7.25 13.66
N PHE A 179 12.65 6.63 14.78
CA PHE A 179 11.38 5.91 14.79
C PHE A 179 10.21 6.86 14.71
N ALA A 180 10.30 8.03 15.36
CA ALA A 180 9.24 9.01 15.19
C ALA A 180 9.02 9.36 13.73
N LYS A 181 10.12 9.49 12.97
CA LYS A 181 10.00 9.74 11.54
C LYS A 181 9.34 8.57 10.84
N VAL A 182 9.77 7.35 11.17
CA VAL A 182 9.22 6.16 10.52
C VAL A 182 7.71 6.11 10.68
N ILE A 183 7.20 6.45 11.87
CA ILE A 183 5.78 6.33 12.18
C ILE A 183 4.92 7.13 11.21
N CYS A 184 5.39 8.32 10.81
CA CYS A 184 4.59 9.20 9.97
C CYS A 184 5.15 9.31 8.55
N ASN A 185 6.04 8.39 8.16
CA ASN A 185 6.58 8.41 6.80
C ASN A 185 6.66 7.03 6.16
N SER A 186 5.96 6.04 6.70
CA SER A 186 6.04 4.68 6.18
C SER A 186 5.03 4.50 5.06
N PHE A 187 5.50 3.99 3.93
CA PHE A 187 4.65 3.67 2.79
C PHE A 187 4.29 2.19 2.81
N THR A 188 3.00 1.90 2.66
CA THR A 188 2.51 0.52 2.61
C THR A 188 2.63 0.03 1.16
N ILE A 189 3.57 -0.88 0.93
CA ILE A 189 3.85 -1.36 -0.42
C ILE A 189 2.86 -2.47 -0.76
N CYS A 190 2.19 -2.32 -1.90
CA CYS A 190 1.20 -3.28 -2.37
C CYS A 190 1.65 -3.90 -3.68
N ASN A 191 1.27 -5.17 -3.88
CA ASN A 191 1.64 -5.85 -5.11
C ASN A 191 0.67 -5.46 -6.22
N ALA A 192 0.87 -6.04 -7.40
CA ALA A 192 0.05 -5.67 -8.55
C ALA A 192 -1.43 -5.91 -8.28
N GLU A 193 -1.76 -6.92 -7.49
CA GLU A 193 -3.13 -7.26 -7.13
C GLU A 193 -3.65 -6.44 -5.95
N MET A 194 -2.86 -5.46 -5.50
CA MET A 194 -3.21 -4.51 -4.44
C MET A 194 -3.23 -5.14 -3.06
N GLN A 195 -2.52 -6.25 -2.89
CA GLN A 195 -2.30 -6.86 -1.59
C GLN A 195 -1.09 -6.20 -0.93
N GLU A 196 -1.25 -5.80 0.33
CA GLU A 196 -0.12 -5.25 1.08
CA GLU A 196 -0.12 -5.25 1.08
C GLU A 196 0.94 -6.33 1.26
N VAL A 197 2.17 -6.03 0.83
CA VAL A 197 3.25 -7.00 0.92
C VAL A 197 4.51 -6.44 1.57
N GLY A 198 4.54 -5.15 1.86
CA GLY A 198 5.78 -4.62 2.42
C GLY A 198 5.59 -3.23 2.97
N VAL A 199 6.68 -2.71 3.52
CA VAL A 199 6.73 -1.34 4.03
C VAL A 199 8.04 -0.72 3.59
N GLY A 200 7.99 0.53 3.17
CA GLY A 200 9.23 1.17 2.74
C GLY A 200 9.24 2.65 3.06
N LEU A 201 10.45 3.21 3.02
CA LEU A 201 10.63 4.66 3.12
C LEU A 201 11.06 5.19 1.77
N TYR A 202 10.42 6.27 1.34
CA TYR A 202 10.69 6.93 0.06
C TYR A 202 10.76 8.41 0.38
N PRO A 203 11.92 8.91 0.82
CA PRO A 203 11.94 10.25 1.44
C PRO A 203 11.52 11.37 0.50
N SER A 204 11.84 11.29 -0.79
CA SER A 204 11.38 12.32 -1.71
C SER A 204 9.85 12.35 -1.79
N ILE A 205 9.23 11.16 -1.84
CA ILE A 205 7.79 11.04 -1.87
C ILE A 205 7.17 11.46 -0.56
N SER A 206 7.94 11.40 0.53
CA SER A 206 7.43 11.85 1.82
C SER A 206 7.09 13.32 1.85
N LEU A 207 7.47 14.10 0.84
CA LEU A 207 7.06 15.50 0.84
C LEU A 207 5.56 15.67 0.61
N LEU A 208 4.89 14.68 0.04
CA LEU A 208 3.49 14.84 -0.32
C LEU A 208 2.63 14.84 0.94
N ASN A 209 1.84 15.89 1.11
CA ASN A 209 0.87 15.90 2.18
C ASN A 209 -0.39 15.15 1.77
N HIS A 210 -1.19 14.84 2.78
CA HIS A 210 -2.36 13.99 2.64
C HIS A 210 -3.58 14.79 2.22
N SER A 211 -4.43 14.17 1.40
CA SER A 211 -5.79 14.63 1.20
C SER A 211 -6.71 13.42 1.09
N CYS A 212 -7.91 13.55 1.66
CA CYS A 212 -8.95 12.55 1.49
C CYS A 212 -9.60 12.62 0.11
N ASP A 213 -9.25 13.61 -0.71
CA ASP A 213 -9.68 13.69 -2.10
C ASP A 213 -8.50 14.24 -2.90
N PRO A 214 -7.48 13.40 -3.12
CA PRO A 214 -6.18 13.90 -3.56
C PRO A 214 -6.13 14.15 -5.06
N ASN A 215 -5.12 14.90 -5.48
CA ASN A 215 -4.92 15.14 -6.90
C ASN A 215 -3.81 14.30 -7.51
N CYS A 216 -3.12 13.51 -6.70
CA CYS A 216 -2.11 12.57 -7.18
C CYS A 216 -2.35 11.20 -6.56
N SER A 217 -1.65 10.21 -7.09
CA SER A 217 -1.73 8.83 -6.62
C SER A 217 -0.37 8.17 -6.75
N ILE A 218 -0.06 7.28 -5.82
CA ILE A 218 1.12 6.42 -5.94
C ILE A 218 0.67 4.98 -6.20
N VAL A 219 1.50 4.26 -6.96
CA VAL A 219 1.30 2.85 -7.25
CA VAL A 219 1.30 2.85 -7.22
C VAL A 219 2.66 2.17 -7.17
N PHE A 220 2.66 0.93 -6.70
CA PHE A 220 3.89 0.17 -6.57
C PHE A 220 3.96 -0.88 -7.65
N ASN A 221 5.16 -1.03 -8.21
CA ASN A 221 5.51 -2.09 -9.14
C ASN A 221 6.69 -2.80 -8.49
N GLY A 222 6.42 -3.85 -7.73
CA GLY A 222 7.41 -4.36 -6.82
C GLY A 222 7.73 -3.29 -5.80
N PRO A 223 9.01 -3.14 -5.44
CA PRO A 223 9.37 -2.05 -4.51
C PRO A 223 9.37 -0.68 -5.15
N HIS A 224 9.20 -0.59 -6.46
CA HIS A 224 9.35 0.66 -7.19
C HIS A 224 8.04 1.44 -7.15
N LEU A 225 8.16 2.75 -6.88
CA LEU A 225 7.01 3.61 -6.67
C LEU A 225 6.88 4.59 -7.83
N LEU A 226 5.69 4.66 -8.41
CA LEU A 226 5.36 5.67 -9.42
C LEU A 226 4.40 6.69 -8.81
N LEU A 227 4.72 7.96 -8.97
CA LEU A 227 3.83 9.04 -8.57
C LEU A 227 3.23 9.69 -9.81
N ARG A 228 1.90 9.76 -9.86
CA ARG A 228 1.21 10.27 -11.04
C ARG A 228 0.14 11.27 -10.62
N ALA A 229 -0.07 12.29 -11.45
CA ALA A 229 -1.25 13.13 -11.29
C ALA A 229 -2.50 12.37 -11.69
N VAL A 230 -3.58 12.53 -10.93
CA VAL A 230 -4.86 11.91 -11.29
C VAL A 230 -5.94 12.96 -11.54
N ARG A 231 -5.56 14.23 -11.54
CA ARG A 231 -6.44 15.36 -11.77
CA ARG A 231 -6.44 15.36 -11.75
C ARG A 231 -5.65 16.42 -12.51
N ASP A 232 -6.36 17.35 -13.14
CA ASP A 232 -5.67 18.54 -13.64
C ASP A 232 -5.13 19.31 -12.44
N ILE A 233 -3.89 19.79 -12.56
CA ILE A 233 -3.21 20.51 -11.49
C ILE A 233 -2.55 21.77 -12.07
N GLU A 234 -2.76 22.91 -11.41
CA GLU A 234 -2.24 24.18 -11.88
C GLU A 234 -0.82 24.42 -11.35
N VAL A 235 -0.10 25.33 -12.01
CA VAL A 235 1.22 25.73 -11.54
C VAL A 235 1.10 26.19 -10.10
N GLY A 236 2.02 25.72 -9.25
CA GLY A 236 2.07 26.10 -7.86
C GLY A 236 1.07 25.41 -6.95
N GLU A 237 0.10 24.67 -7.50
CA GLU A 237 -0.86 23.96 -6.67
C GLU A 237 -0.17 22.83 -5.90
N GLU A 238 -0.58 22.64 -4.65
CA GLU A 238 0.05 21.60 -3.84
C GLU A 238 -0.39 20.23 -4.33
N LEU A 239 0.56 19.31 -4.38
CA LEU A 239 0.30 17.92 -4.75
C LEU A 239 0.00 17.11 -3.50
N THR A 240 -1.07 16.31 -3.54
CA THR A 240 -1.50 15.51 -2.41
C THR A 240 -1.73 14.09 -2.85
N ILE A 241 -1.56 13.17 -1.90
CA ILE A 241 -1.95 11.78 -2.07
C ILE A 241 -2.79 11.43 -0.86
N CYS A 242 -3.61 10.39 -0.99
CA CYS A 242 -4.37 9.91 0.15
C CYS A 242 -3.55 8.86 0.88
N TYR A 243 -3.19 9.14 2.14
CA TYR A 243 -2.39 8.20 2.90
C TYR A 243 -3.12 6.92 3.26
N LEU A 244 -4.44 6.89 3.13
CA LEU A 244 -5.30 5.89 3.74
C LEU A 244 -6.13 5.14 2.71
N ASP A 245 -6.52 3.93 3.10
CA ASP A 245 -7.57 3.19 2.41
C ASP A 245 -8.82 4.04 2.22
N MET A 246 -9.42 3.99 1.02
CA MET A 246 -10.63 4.77 0.80
C MET A 246 -11.84 4.23 1.54
N LEU A 247 -11.84 2.94 1.94
CA LEU A 247 -13.03 2.36 2.58
C LEU A 247 -12.93 2.56 4.10
N MET A 248 -13.04 3.83 4.47
CA MET A 248 -12.94 4.29 5.85
C MET A 248 -13.89 5.46 6.04
N THR A 249 -14.53 5.52 7.20
CA THR A 249 -15.34 6.69 7.54
C THR A 249 -14.44 7.83 7.99
N SER A 250 -15.03 9.04 8.06
CA SER A 250 -14.26 10.19 8.53
C SER A 250 -13.79 10.02 9.97
N GLU A 251 -14.58 9.33 10.80
CA GLU A 251 -14.14 9.01 12.16
C GLU A 251 -12.91 8.10 12.14
N GLU A 252 -12.93 7.07 11.28
CA GLU A 252 -11.77 6.20 11.17
C GLU A 252 -10.57 6.94 10.61
N ARG A 253 -10.78 7.81 9.63
CA ARG A 253 -9.67 8.59 9.10
C ARG A 253 -9.12 9.52 10.17
N ARG A 254 -10.01 10.15 10.93
CA ARG A 254 -9.57 11.03 12.01
C ARG A 254 -8.67 10.29 12.99
N LYS A 255 -9.06 9.07 13.37
CA LYS A 255 -8.28 8.36 14.37
C LYS A 255 -6.90 7.99 13.83
N GLN A 256 -6.83 7.54 12.57
CA GLN A 256 -5.53 7.16 12.03
CA GLN A 256 -5.54 7.16 11.99
C GLN A 256 -4.66 8.38 11.74
N LEU A 257 -5.26 9.46 11.23
CA LEU A 257 -4.47 10.64 10.93
C LEU A 257 -3.94 11.28 12.21
N ARG A 258 -4.70 11.21 13.30
CA ARG A 258 -4.17 11.63 14.60
C ARG A 258 -3.09 10.68 15.09
N ASP A 259 -3.40 9.38 15.17
CA ASP A 259 -2.53 8.44 15.86
C ASP A 259 -1.21 8.29 15.13
N GLN A 260 -1.27 8.17 13.80
CA GLN A 260 -0.07 7.90 13.03
C GLN A 260 0.60 9.18 12.56
N TYR A 261 -0.19 10.20 12.21
CA TYR A 261 0.36 11.36 11.49
C TYR A 261 0.23 12.66 12.26
N CYS A 262 -0.34 12.65 13.46
CA CYS A 262 -0.46 13.85 14.28
C CYS A 262 -1.00 15.05 13.51
N PHE A 263 -2.10 14.87 12.78
CA PHE A 263 -2.80 16.06 12.30
C PHE A 263 -4.31 15.84 12.24
N GLU A 264 -5.02 16.97 12.20
CA GLU A 264 -6.48 17.03 12.09
C GLU A 264 -6.79 17.44 10.67
N CYS A 265 -7.65 16.68 9.99
CA CYS A 265 -7.85 16.95 8.58
C CYS A 265 -9.03 17.90 8.40
N ASP A 266 -8.79 18.98 7.64
CA ASP A 266 -9.73 20.07 7.46
C ASP A 266 -10.50 19.97 6.14
N CYS A 267 -10.30 18.90 5.37
CA CYS A 267 -10.81 18.84 4.01
C CYS A 267 -12.34 18.81 3.99
N PHE A 268 -12.90 19.10 2.81
CA PHE A 268 -14.35 19.13 2.67
C PHE A 268 -14.96 17.79 3.07
N ARG A 269 -14.32 16.68 2.71
CA ARG A 269 -14.89 15.38 3.04
C ARG A 269 -14.98 15.18 4.55
N CYS A 270 -13.96 15.63 5.28
CA CYS A 270 -13.99 15.42 6.72
C CYS A 270 -14.95 16.39 7.39
N GLN A 271 -15.02 17.62 6.88
CA GLN A 271 -15.96 18.59 7.41
CA GLN A 271 -15.96 18.57 7.44
C GLN A 271 -17.41 18.14 7.22
N THR A 272 -17.70 17.42 6.14
CA THR A 272 -19.08 17.05 5.82
C THR A 272 -19.39 15.57 6.04
N GLN A 273 -18.46 14.79 6.60
CA GLN A 273 -18.65 13.35 6.75
C GLN A 273 -19.03 12.72 5.43
N ASP A 274 -18.41 13.21 4.36
CA ASP A 274 -18.75 12.80 3.00
C ASP A 274 -18.71 11.28 2.87
N LYS A 275 -19.85 10.69 2.51
CA LYS A 275 -20.07 9.27 2.25
C LYS A 275 -20.20 8.41 3.51
N ASP A 276 -20.01 8.96 4.72
CA ASP A 276 -20.01 8.14 5.93
C ASP A 276 -21.31 7.36 6.05
N ALA A 277 -22.44 8.05 5.87
CA ALA A 277 -23.73 7.42 6.07
C ALA A 277 -23.95 6.27 5.10
N ASP A 278 -23.61 6.47 3.83
CA ASP A 278 -23.72 5.39 2.86
C ASP A 278 -22.83 4.21 3.26
N MET A 279 -21.62 4.50 3.73
CA MET A 279 -20.67 3.46 4.08
C MET A 279 -21.14 2.60 5.23
N LEU A 280 -22.03 3.13 6.07
CA LEU A 280 -22.50 2.44 7.26
C LEU A 280 -23.95 2.03 7.16
N THR A 281 -24.46 1.85 5.94
CA THR A 281 -25.85 1.41 5.80
C THR A 281 -25.99 -0.06 6.20
N GLY A 282 -27.20 -0.43 6.57
CA GLY A 282 -27.44 -1.74 7.13
C GLY A 282 -27.53 -1.68 8.63
N ASP A 283 -27.61 -2.87 9.24
CA ASP A 283 -27.86 -2.98 10.66
C ASP A 283 -26.55 -2.90 11.42
N GLU A 284 -26.48 -1.97 12.37
CA GLU A 284 -25.22 -1.71 13.08
C GLU A 284 -24.70 -2.96 13.78
N GLN A 285 -25.59 -3.72 14.43
CA GLN A 285 -25.15 -4.94 15.10
C GLN A 285 -24.47 -5.88 14.11
N VAL A 286 -25.02 -6.01 12.91
CA VAL A 286 -24.42 -6.91 11.95
C VAL A 286 -23.07 -6.37 11.47
N TRP A 287 -22.99 -5.09 11.12
CA TRP A 287 -21.70 -4.69 10.55
C TRP A 287 -20.63 -4.53 11.61
N LYS A 288 -21.02 -4.28 12.87
CA LYS A 288 -20.03 -4.33 13.95
C LYS A 288 -19.42 -5.72 14.05
N GLU A 289 -20.24 -6.77 13.92
CA GLU A 289 -19.70 -8.13 13.94
C GLU A 289 -18.82 -8.38 12.72
N VAL A 290 -19.25 -7.92 11.54
CA VAL A 290 -18.45 -8.12 10.34
C VAL A 290 -17.13 -7.39 10.45
N GLN A 291 -17.16 -6.15 10.94
CA GLN A 291 -15.92 -5.41 11.19
C GLN A 291 -14.99 -6.20 12.10
N GLU A 292 -15.53 -6.80 13.15
CA GLU A 292 -14.72 -7.59 14.06
C GLU A 292 -14.15 -8.82 13.36
N SER A 293 -14.97 -9.52 12.57
CA SER A 293 -14.49 -10.69 11.85
C SER A 293 -13.43 -10.31 10.83
N LEU A 294 -13.52 -9.11 10.27
CA LEU A 294 -12.55 -8.67 9.25
C LEU A 294 -11.13 -8.61 9.80
N LYS A 295 -10.97 -8.40 11.11
CA LYS A 295 -9.63 -8.46 11.70
C LYS A 295 -8.97 -9.80 11.39
N LYS A 296 -9.71 -10.90 11.63
CA LYS A 296 -9.14 -12.22 11.39
C LYS A 296 -9.05 -12.52 9.90
N ILE A 297 -10.06 -12.12 9.11
CA ILE A 297 -10.00 -12.34 7.68
C ILE A 297 -8.79 -11.64 7.09
N GLU A 298 -8.58 -10.38 7.47
CA GLU A 298 -7.45 -9.62 6.94
C GLU A 298 -6.11 -10.16 7.44
N GLU A 299 -6.08 -10.67 8.68
CA GLU A 299 -4.86 -11.33 9.15
C GLU A 299 -4.63 -12.62 8.38
N LEU A 300 -5.68 -13.42 8.19
CA LEU A 300 -5.56 -14.62 7.36
C LEU A 300 -5.16 -14.26 5.94
N LYS A 301 -5.71 -13.16 5.42
CA LYS A 301 -5.36 -12.72 4.07
C LYS A 301 -3.93 -12.22 4.02
N ALA A 302 -3.51 -11.45 5.02
CA ALA A 302 -2.14 -10.96 5.07
C ALA A 302 -1.13 -12.10 5.01
N HIS A 303 -1.52 -13.29 5.49
CA HIS A 303 -0.68 -14.48 5.42
C HIS A 303 -1.07 -15.39 4.26
N TRP A 304 -1.94 -14.93 3.36
CA TRP A 304 -2.23 -15.63 2.11
C TRP A 304 -2.88 -17.00 2.32
N LYS A 305 -3.65 -17.16 3.40
CA LYS A 305 -4.38 -18.41 3.64
C LYS A 305 -5.77 -18.28 3.02
N TRP A 306 -5.82 -18.52 1.71
CA TRP A 306 -7.00 -18.15 0.93
C TRP A 306 -8.20 -19.03 1.27
N GLU A 307 -7.97 -20.32 1.53
CA GLU A 307 -9.09 -21.22 1.84
C GLU A 307 -9.79 -20.80 3.13
N GLN A 308 -9.02 -20.44 4.16
CA GLN A 308 -9.63 -19.97 5.40
C GLN A 308 -10.28 -18.60 5.23
N VAL A 309 -9.70 -17.75 4.38
CA VAL A 309 -10.31 -16.47 4.07
C VAL A 309 -11.69 -16.69 3.45
N LEU A 310 -11.76 -17.56 2.45
CA LEU A 310 -13.02 -17.77 1.75
C LEU A 310 -14.09 -18.33 2.68
N ALA A 311 -13.71 -19.27 3.54
CA ALA A 311 -14.68 -19.89 4.44
C ALA A 311 -15.29 -18.83 5.36
N MET A 312 -14.46 -17.95 5.92
CA MET A 312 -14.97 -16.89 6.77
C MET A 312 -15.83 -15.92 5.98
N CYS A 313 -15.43 -15.62 4.75
CA CYS A 313 -16.19 -14.67 3.94
C CYS A 313 -17.55 -15.24 3.57
N GLN A 314 -17.60 -16.52 3.18
CA GLN A 314 -18.87 -17.13 2.80
C GLN A 314 -19.85 -17.16 3.97
N ALA A 315 -19.33 -17.35 5.19
CA ALA A 315 -20.20 -17.38 6.36
C ALA A 315 -20.86 -16.03 6.60
N ILE A 316 -20.33 -14.97 6.00
CA ILE A 316 -20.91 -13.64 6.07
C ILE A 316 -21.77 -13.35 4.85
N ILE A 317 -21.19 -13.51 3.66
CA ILE A 317 -21.89 -13.16 2.44
C ILE A 317 -23.16 -13.99 2.29
N SER A 318 -23.09 -15.28 2.60
CA SER A 318 -24.25 -16.15 2.52
C SER A 318 -24.72 -16.58 3.90
N SER A 319 -24.60 -15.68 4.88
CA SER A 319 -25.00 -15.99 6.24
C SER A 319 -26.46 -16.40 6.31
N ASN A 320 -26.76 -17.32 7.22
CA ASN A 320 -28.16 -17.60 7.51
C ASN A 320 -28.79 -16.44 8.27
N SER A 321 -27.98 -15.70 9.03
CA SER A 321 -28.44 -14.55 9.79
C SER A 321 -28.45 -13.30 8.93
N GLU A 322 -28.75 -12.14 9.54
CA GLU A 322 -28.98 -10.92 8.82
C GLU A 322 -27.75 -10.50 8.00
N ARG A 323 -28.01 -9.87 6.87
CA ARG A 323 -26.99 -9.53 5.89
C ARG A 323 -26.93 -8.03 5.70
N LEU A 324 -25.86 -7.59 5.04
CA LEU A 324 -25.55 -6.20 4.84
C LEU A 324 -25.63 -5.82 3.36
N PRO A 325 -25.96 -4.57 3.05
CA PRO A 325 -25.87 -4.12 1.66
C PRO A 325 -24.42 -4.09 1.21
N ASP A 326 -24.21 -4.28 -0.09
CA ASP A 326 -22.84 -4.32 -0.62
C ASP A 326 -22.15 -2.97 -0.52
N ILE A 327 -22.90 -1.89 -0.36
CA ILE A 327 -22.29 -0.57 -0.21
C ILE A 327 -21.79 -0.35 1.22
N ASN A 328 -22.21 -1.18 2.17
CA ASN A 328 -21.62 -1.09 3.49
C ASN A 328 -20.13 -1.44 3.38
N ILE A 329 -19.26 -0.62 3.97
CA ILE A 329 -17.84 -0.83 3.67
C ILE A 329 -17.31 -2.14 4.24
N TYR A 330 -17.86 -2.63 5.36
CA TYR A 330 -17.34 -3.87 5.92
C TYR A 330 -17.80 -5.06 5.10
N GLN A 331 -19.06 -5.03 4.67
CA GLN A 331 -19.54 -6.00 3.68
C GLN A 331 -18.69 -5.95 2.42
N LEU A 332 -18.38 -4.75 1.93
CA LEU A 332 -17.60 -4.60 0.71
C LEU A 332 -16.20 -5.18 0.87
N LYS A 333 -15.55 -4.93 2.02
CA LYS A 333 -14.25 -5.53 2.27
C LYS A 333 -14.35 -7.05 2.25
N VAL A 334 -15.45 -7.59 2.78
CA VAL A 334 -15.59 -9.04 2.82
C VAL A 334 -15.74 -9.59 1.40
N LEU A 335 -16.54 -8.92 0.57
CA LEU A 335 -16.67 -9.31 -0.83
C LEU A 335 -15.32 -9.26 -1.55
N ASP A 336 -14.53 -8.21 -1.30
CA ASP A 336 -13.24 -8.12 -1.95
CA ASP A 336 -13.20 -8.08 -1.90
C ASP A 336 -12.33 -9.26 -1.52
N CYS A 337 -12.27 -9.56 -0.22
CA CYS A 337 -11.45 -10.67 0.25
C CYS A 337 -11.93 -11.98 -0.36
N ALA A 338 -13.24 -12.17 -0.43
CA ALA A 338 -13.77 -13.38 -1.02
C ALA A 338 -13.39 -13.48 -2.50
N MET A 339 -13.47 -12.35 -3.23
CA MET A 339 -13.12 -12.38 -4.64
C MET A 339 -11.65 -12.76 -4.84
N ASP A 340 -10.76 -12.11 -4.09
CA ASP A 340 -9.33 -12.38 -4.23
C ASP A 340 -9.01 -13.81 -3.80
N ALA A 341 -9.67 -14.31 -2.76
CA ALA A 341 -9.45 -15.69 -2.36
C ALA A 341 -9.89 -16.65 -3.46
N CYS A 342 -11.08 -16.41 -4.04
CA CYS A 342 -11.55 -17.25 -5.13
C CYS A 342 -10.60 -17.20 -6.32
N ILE A 343 -10.06 -16.02 -6.62
CA ILE A 343 -9.12 -15.91 -7.73
C ILE A 343 -7.89 -16.77 -7.47
N ASN A 344 -7.29 -16.59 -6.29
CA ASN A 344 -6.10 -17.37 -5.96
C ASN A 344 -6.40 -18.86 -5.84
N LEU A 345 -7.64 -19.22 -5.52
CA LEU A 345 -8.03 -20.62 -5.42
C LEU A 345 -8.54 -21.19 -6.74
N GLY A 346 -8.63 -20.37 -7.79
CA GLY A 346 -9.12 -20.88 -9.05
C GLY A 346 -10.62 -21.05 -9.14
N LEU A 347 -11.37 -20.46 -8.21
CA LEU A 347 -12.84 -20.55 -8.24
C LEU A 347 -13.36 -19.34 -8.99
N LEU A 348 -13.30 -19.41 -10.32
CA LEU A 348 -13.42 -18.21 -11.13
C LEU A 348 -14.86 -17.74 -11.30
N GLU A 349 -15.83 -18.67 -11.34
CA GLU A 349 -17.23 -18.26 -11.38
C GLU A 349 -17.62 -17.57 -10.08
N GLU A 350 -17.22 -18.12 -8.95
CA GLU A 350 -17.55 -17.50 -7.68
C GLU A 350 -16.81 -16.18 -7.53
N ALA A 351 -15.55 -16.12 -7.97
CA ALA A 351 -14.82 -14.85 -7.95
C ALA A 351 -15.58 -13.78 -8.73
N LEU A 352 -16.11 -14.15 -9.90
CA LEU A 352 -16.83 -13.16 -10.70
C LEU A 352 -18.10 -12.70 -9.99
N PHE A 353 -18.78 -13.61 -9.28
CA PHE A 353 -19.98 -13.21 -8.56
C PHE A 353 -19.68 -12.11 -7.53
N TYR A 354 -18.65 -12.33 -6.71
CA TYR A 354 -18.29 -11.33 -5.72
C TYR A 354 -17.74 -10.07 -6.37
N GLY A 355 -16.85 -10.23 -7.36
CA GLY A 355 -16.27 -9.07 -8.01
C GLY A 355 -17.30 -8.17 -8.66
N THR A 356 -18.27 -8.78 -9.37
CA THR A 356 -19.32 -7.98 -9.99
CA THR A 356 -19.29 -7.95 -9.99
C THR A 356 -20.11 -7.18 -8.96
N ARG A 357 -20.34 -7.78 -7.78
CA ARG A 357 -21.09 -7.07 -6.75
C ARG A 357 -20.32 -5.86 -6.23
N THR A 358 -18.99 -5.90 -6.27
CA THR A 358 -18.21 -4.75 -5.80
C THR A 358 -18.18 -3.60 -6.79
N MET A 359 -18.63 -3.80 -8.03
CA MET A 359 -18.36 -2.80 -9.07
C MET A 359 -19.04 -1.48 -8.77
N GLU A 360 -20.34 -1.49 -8.46
CA GLU A 360 -21.01 -0.21 -8.20
C GLU A 360 -20.51 0.42 -6.90
N PRO A 361 -20.40 -0.30 -5.77
CA PRO A 361 -19.74 0.32 -4.60
C PRO A 361 -18.37 0.89 -4.91
N TYR A 362 -17.55 0.19 -5.71
CA TYR A 362 -16.23 0.74 -6.04
C TYR A 362 -16.35 2.02 -6.86
N ARG A 363 -17.32 2.07 -7.78
CA ARG A 363 -17.53 3.29 -8.56
C ARG A 363 -17.80 4.48 -7.65
N ILE A 364 -18.53 4.24 -6.57
CA ILE A 364 -18.92 5.30 -5.65
C ILE A 364 -17.75 5.68 -4.76
N PHE A 365 -17.05 4.70 -4.21
CA PHE A 365 -16.08 4.99 -3.16
C PHE A 365 -14.68 5.28 -3.68
N PHE A 366 -14.43 5.08 -4.98
CA PHE A 366 -13.16 5.39 -5.61
C PHE A 366 -13.40 6.36 -6.76
N PRO A 367 -13.84 7.58 -6.45
CA PRO A 367 -14.17 8.54 -7.51
C PRO A 367 -12.95 8.91 -8.35
N GLY A 368 -13.22 9.32 -9.59
CA GLY A 368 -12.14 9.74 -10.46
C GLY A 368 -11.30 8.54 -10.87
N SER A 369 -9.98 8.70 -10.80
CA SER A 369 -9.04 7.64 -11.18
C SER A 369 -8.26 7.20 -9.96
N HIS A 370 -8.58 6.02 -9.45
CA HIS A 370 -7.92 5.44 -8.31
C HIS A 370 -7.36 4.08 -8.70
N PRO A 371 -6.09 3.80 -8.40
CA PRO A 371 -5.54 2.50 -8.84
C PRO A 371 -6.25 1.29 -8.29
N VAL A 372 -6.84 1.40 -7.10
CA VAL A 372 -7.55 0.25 -6.53
C VAL A 372 -8.76 -0.09 -7.37
N ARG A 373 -9.51 0.91 -7.83
CA ARG A 373 -10.64 0.61 -8.70
C ARG A 373 -10.16 0.09 -10.05
N GLY A 374 -9.11 0.70 -10.61
CA GLY A 374 -8.59 0.24 -11.89
C GLY A 374 -8.25 -1.23 -11.86
N VAL A 375 -7.54 -1.66 -10.80
CA VAL A 375 -7.16 -3.06 -10.65
C VAL A 375 -8.39 -3.94 -10.46
N GLN A 376 -9.34 -3.49 -9.66
CA GLN A 376 -10.53 -4.29 -9.41
C GLN A 376 -11.32 -4.50 -10.69
N VAL A 377 -11.55 -3.43 -11.44
CA VAL A 377 -12.29 -3.53 -12.70
C VAL A 377 -11.55 -4.44 -13.69
N MET A 378 -10.22 -4.32 -13.73
CA MET A 378 -9.42 -5.21 -14.58
C MET A 378 -9.63 -6.67 -14.19
N LYS A 379 -9.63 -6.97 -12.88
CA LYS A 379 -9.85 -8.34 -12.45
C LYS A 379 -11.21 -8.86 -12.90
N VAL A 380 -12.25 -8.04 -12.76
CA VAL A 380 -13.58 -8.46 -13.20
C VAL A 380 -13.61 -8.65 -14.71
N GLY A 381 -13.01 -7.73 -15.47
CA GLY A 381 -13.01 -7.90 -16.92
C GLY A 381 -12.23 -9.11 -17.37
N LYS A 382 -11.13 -9.41 -16.68
CA LYS A 382 -10.37 -10.62 -16.98
C LYS A 382 -11.19 -11.87 -16.70
N LEU A 383 -11.93 -11.88 -15.60
CA LEU A 383 -12.80 -13.00 -15.29
C LEU A 383 -13.88 -13.14 -16.35
N GLN A 384 -14.50 -12.04 -16.74
CA GLN A 384 -15.53 -12.12 -17.76
C GLN A 384 -14.97 -12.58 -19.09
N LEU A 385 -13.76 -12.15 -19.43
CA LEU A 385 -13.13 -12.57 -20.68
C LEU A 385 -12.95 -14.08 -20.69
N HIS A 386 -12.45 -14.64 -19.60
CA HIS A 386 -12.23 -16.07 -19.49
C HIS A 386 -13.51 -16.87 -19.53
N GLN A 387 -14.64 -16.26 -19.18
CA GLN A 387 -15.93 -16.93 -19.25
C GLN A 387 -16.64 -16.70 -20.59
N GLY A 388 -15.97 -16.09 -21.57
CA GLY A 388 -16.56 -15.88 -22.87
C GLY A 388 -17.53 -14.74 -22.96
N MET A 389 -17.56 -13.85 -21.98
CA MET A 389 -18.51 -12.74 -21.97
C MET A 389 -17.85 -11.53 -22.64
N PHE A 390 -17.61 -11.67 -23.94
CA PHE A 390 -16.71 -10.73 -24.60
C PHE A 390 -17.21 -9.28 -24.54
N PRO A 391 -18.46 -8.97 -24.90
CA PRO A 391 -18.87 -7.55 -24.83
C PRO A 391 -18.83 -6.98 -23.43
N GLN A 392 -19.24 -7.75 -22.42
CA GLN A 392 -19.14 -7.28 -21.04
C GLN A 392 -17.68 -7.13 -20.61
N ALA A 393 -16.84 -8.10 -20.97
CA ALA A 393 -15.43 -8.00 -20.60
C ALA A 393 -14.76 -6.80 -21.25
N MET A 394 -15.07 -6.57 -22.53
CA MET A 394 -14.46 -5.46 -23.24
C MET A 394 -14.81 -4.14 -22.58
N LYS A 395 -16.07 -3.97 -22.14
CA LYS A 395 -16.47 -2.74 -21.50
C LYS A 395 -15.68 -2.51 -20.22
N ASN A 396 -15.49 -3.58 -19.43
CA ASN A 396 -14.76 -3.44 -18.18
C ASN A 396 -13.26 -3.29 -18.42
N LEU A 397 -12.71 -4.03 -19.39
CA LEU A 397 -11.29 -3.87 -19.67
C LEU A 397 -10.99 -2.47 -20.19
N ARG A 398 -11.87 -1.93 -21.04
CA ARG A 398 -11.69 -0.55 -21.49
C ARG A 398 -11.78 0.44 -20.33
N LEU A 399 -12.75 0.23 -19.43
CA LEU A 399 -12.87 1.07 -18.24
C LEU A 399 -11.63 0.95 -17.36
N ALA A 400 -11.15 -0.27 -17.17
CA ALA A 400 -9.93 -0.46 -16.39
C ALA A 400 -8.76 0.28 -17.04
N PHE A 401 -8.72 0.28 -18.37
CA PHE A 401 -7.64 0.97 -19.07
C PHE A 401 -7.78 2.48 -18.95
N ASP A 402 -9.01 2.99 -19.04
CA ASP A 402 -9.22 4.43 -18.84
C ASP A 402 -8.72 4.88 -17.48
N ILE A 403 -8.93 4.05 -16.45
CA ILE A 403 -8.42 4.38 -15.12
C ILE A 403 -6.93 4.15 -15.03
N MET A 404 -6.47 2.95 -15.43
CA MET A 404 -5.08 2.60 -15.17
C MET A 404 -4.11 3.32 -16.09
N ARG A 405 -4.56 3.83 -17.25
CA ARG A 405 -3.69 4.70 -18.02
C ARG A 405 -3.32 5.94 -17.21
N VAL A 406 -4.21 6.36 -16.31
CA VAL A 406 -3.95 7.51 -15.45
C VAL A 406 -3.22 7.09 -14.17
N THR A 407 -3.63 6.01 -13.52
CA THR A 407 -3.08 5.66 -12.22
C THR A 407 -1.81 4.84 -12.30
N HIS A 408 -1.65 4.03 -13.35
CA HIS A 408 -0.49 3.17 -13.52
C HIS A 408 0.45 3.67 -14.61
N GLY A 409 -0.07 3.87 -15.82
CA GLY A 409 0.73 4.36 -16.92
C GLY A 409 1.59 3.29 -17.56
N ARG A 410 2.21 3.67 -18.68
CA ARG A 410 3.02 2.73 -19.45
C ARG A 410 4.21 2.19 -18.66
N GLU A 411 4.67 2.93 -17.64
CA GLU A 411 5.82 2.51 -16.85
C GLU A 411 5.51 1.39 -15.88
N HIS A 412 4.24 1.03 -15.69
CA HIS A 412 3.84 -0.06 -14.81
C HIS A 412 3.56 -1.31 -15.64
N SER A 413 4.20 -2.41 -15.27
CA SER A 413 4.06 -3.65 -16.02
C SER A 413 2.64 -4.18 -16.05
N LEU A 414 1.79 -3.80 -15.09
CA LEU A 414 0.41 -4.27 -15.11
C LEU A 414 -0.35 -3.73 -16.32
N ILE A 415 0.01 -2.53 -16.79
CA ILE A 415 -0.63 -1.95 -17.97
C ILE A 415 -0.37 -2.82 -19.20
N GLU A 416 0.83 -3.42 -19.27
CA GLU A 416 1.14 -4.31 -20.38
C GLU A 416 0.26 -5.56 -20.36
N ASP A 417 0.00 -6.11 -19.16
CA ASP A 417 -0.91 -7.24 -19.05
C ASP A 417 -2.32 -6.86 -19.48
N LEU A 418 -2.78 -5.69 -19.09
CA LEU A 418 -4.12 -5.25 -19.46
C LEU A 418 -4.23 -5.09 -20.97
N ILE A 419 -3.17 -4.57 -21.61
CA ILE A 419 -3.17 -4.40 -23.05
C ILE A 419 -3.34 -5.74 -23.75
N LEU A 420 -2.72 -6.79 -23.21
CA LEU A 420 -2.86 -8.12 -23.79
C LEU A 420 -4.29 -8.63 -23.65
N LEU A 421 -4.94 -8.33 -22.51
CA LEU A 421 -6.33 -8.75 -22.34
C LEU A 421 -7.25 -8.00 -23.30
N LEU A 422 -7.03 -6.69 -23.47
CA LEU A 422 -7.80 -5.92 -24.43
C LEU A 422 -7.64 -6.48 -25.84
N GLU A 423 -6.41 -6.84 -26.23
CA GLU A 423 -6.19 -7.38 -27.56
C GLU A 423 -6.86 -8.74 -27.73
N GLU A 424 -6.75 -9.61 -26.72
CA GLU A 424 -7.42 -10.90 -26.78
C GLU A 424 -8.93 -10.73 -26.88
N CYS A 425 -9.50 -9.85 -26.04
CA CYS A 425 -10.94 -9.66 -26.04
C CYS A 425 -11.42 -9.09 -27.37
N ASP A 426 -10.71 -8.10 -27.93
CA ASP A 426 -11.16 -7.51 -29.19
C ASP A 426 -11.07 -8.51 -30.33
N ALA A 427 -10.03 -9.35 -30.34
CA ALA A 427 -9.95 -10.39 -31.35
C ALA A 427 -11.14 -11.33 -31.25
N ASN A 428 -11.58 -11.63 -30.02
CA ASN A 428 -12.74 -12.51 -29.86
C ASN A 428 -14.01 -11.86 -30.38
N ILE A 429 -14.20 -10.56 -30.10
CA ILE A 429 -15.39 -9.88 -30.60
C ILE A 429 -15.37 -9.82 -32.12
N ARG A 430 -14.20 -9.59 -32.70
CA ARG A 430 -14.08 -9.53 -34.16
C ARG A 430 -14.32 -10.88 -34.82
N ALA A 431 -14.03 -11.98 -34.12
CA ALA A 431 -14.32 -13.30 -34.66
C ALA A 431 -15.75 -13.74 -34.38
N SER A 432 -16.56 -12.90 -33.74
CA SER A 432 -17.88 -13.31 -33.29
C SER A 432 -18.97 -13.01 -34.32
ZN ZN B . -10.04 14.89 5.16
ZN ZN C . 20.35 -14.18 5.89
ZN ZN D . 12.48 -12.03 -6.38
MG MG E . 11.62 18.60 11.30
MG MG F . 5.49 20.43 13.69
C1 EDO G . -4.13 4.88 -3.75
O1 EDO G . -4.18 5.98 -4.64
C2 EDO G . -3.57 5.24 -2.37
O2 EDO G . -4.13 6.48 -1.91
N SAM H . 4.59 17.95 5.72
CA SAM H . 5.49 16.83 5.76
C SAM H . 6.92 17.33 6.02
O SAM H . 7.89 16.58 5.92
OXT SAM H . 7.09 18.51 6.35
CB SAM H . 5.39 16.02 4.47
CG SAM H . 4.37 14.89 4.58
SD SAM H . 4.91 13.63 5.77
CE SAM H . 4.76 12.10 4.82
C5' SAM H . 3.47 13.39 6.85
C4' SAM H . 3.29 14.55 7.82
O4' SAM H . 2.90 15.72 7.12
C3' SAM H . 2.16 14.31 8.80
O3' SAM H . 2.60 13.49 9.87
C2' SAM H . 1.75 15.71 9.21
O2' SAM H . 2.72 16.22 10.10
C1' SAM H . 1.92 16.42 7.88
N9 SAM H . 0.70 16.43 7.07
C8 SAM H . 0.43 15.61 5.99
N7 SAM H . -0.78 15.92 5.48
C5 SAM H . -1.30 16.93 6.21
C6 SAM H . -2.50 17.63 6.12
N6 SAM H . -3.42 17.36 5.20
N1 SAM H . -2.75 18.61 7.04
C2 SAM H . -1.82 18.91 8.01
N3 SAM H . -0.64 18.22 8.10
C4 SAM H . -0.38 17.26 7.21
C17 L0J I . -2.82 3.84 1.10
C20 L0J I . -1.32 3.50 1.12
C22 L0J I . -0.84 2.84 -0.17
C14 L0J I . -3.60 2.54 0.92
C25 L0J I . -1.66 1.55 -0.27
C30 L0J I . 0.45 4.80 2.05
C32 L0J I . 1.05 6.12 2.14
C33 L0J I . 1.96 6.64 3.17
C35 L0J I . 2.21 7.90 2.79
C38 L0J I . 3.08 8.91 3.45
C40 L0J I . 4.37 8.44 4.02
C43 L0J I . 3.25 8.84 4.92
N28 L0J I . -0.63 4.76 1.28
N37 L0J I . 0.81 7.06 1.26
O31 L0J I . 0.91 3.81 2.60
O36 L0J I . 1.52 8.19 1.63
C04 L0J I . -4.56 -1.08 -0.34
C04 L0J I . -2.14 2.17 -3.52
C07 L0J I . -4.13 -0.45 -1.67
C07 L0J I . -3.23 1.15 -3.16
N01 L0J I . -4.89 -2.49 -0.56
N01 L0J I . -1.65 2.11 -4.91
N13 L0J I . -3.10 1.80 -0.23
N13 L0J I . -3.10 1.88 -0.29
O11 L0J I . -3.70 1.96 -2.71
O11 L0J I . -5.06 2.56 -1.77
O12 L0J I . -5.49 1.82 -1.19
O12 L0J I . -4.82 0.31 -1.14
S10 L0J I . -4.18 1.34 -1.51
S10 L0J I . -4.14 1.47 -1.61
#